data_1NYY
#
_entry.id   1NYY
#
_cell.length_a   41.498
_cell.length_b   61.953
_cell.length_c   89.065
_cell.angle_alpha   90.00
_cell.angle_beta   90.00
_cell.angle_gamma   90.00
#
_symmetry.space_group_name_H-M   'P 21 21 21'
#
loop_
_entity.id
_entity.type
_entity.pdbx_description
1 polymer 'Beta-lactamase TEM'
2 non-polymer 'N-[5-METHYL-3-O-TOLYL-ISOXAZOLE-4-CARBOXYLIC ACID AMIDE] BORONIC ACID'
3 water water
#
_entity_poly.entity_id   1
_entity_poly.type   'polypeptide(L)'
_entity_poly.pdbx_seq_one_letter_code
;HPETLVKVKDAEDQLGARVGYIELDLNSGKILESFRPEERFPMMSTFKVLLCGAVLSRVDAGQEQLGRRIHYSQNDLVEY
SPVTEKHLTDGMTVRELCSAAITMSDNTAANLLLTTIGGPKELTAFLHNMGDHVTRLDRWEPELNEAIPNDERDTTTPAA
MATTLRKLLTGELLTLASRQQLIDWMEADKVAGPLLRSALPAGWFIADKSGAGERGSRGIIAALGPDGKPSRIVVIYTTG
SQATMDERNRQIAEIGASLIKHW
;
_entity_poly.pdbx_strand_id   A
#
loop_
_chem_comp.id
_chem_comp.type
_chem_comp.name
_chem_comp.formula
105 non-polymer 'N-[5-METHYL-3-O-TOLYL-ISOXAZOLE-4-CARBOXYLIC ACID AMIDE] BORONIC ACID' 'C12 H12 B Cl N2 O4'
#
# COMPACT_ATOMS: atom_id res chain seq x y z
N HIS A 1 1.72 -6.68 -21.19
CA HIS A 1 2.42 -7.48 -22.24
C HIS A 1 2.80 -8.86 -21.71
N PRO A 2 2.68 -9.90 -22.54
CA PRO A 2 3.02 -11.28 -22.14
C PRO A 2 4.46 -11.45 -21.67
N GLU A 3 5.39 -10.65 -22.19
CA GLU A 3 6.78 -10.79 -21.76
C GLU A 3 6.92 -10.50 -20.27
N THR A 4 6.06 -9.62 -19.74
CA THR A 4 6.13 -9.31 -18.32
C THR A 4 5.67 -10.53 -17.50
N LEU A 5 4.68 -11.27 -18.01
CA LEU A 5 4.24 -12.46 -17.27
C LEU A 5 5.38 -13.49 -17.26
N VAL A 6 6.18 -13.51 -18.32
CA VAL A 6 7.35 -14.40 -18.34
C VAL A 6 8.20 -14.08 -17.08
N LYS A 7 8.43 -12.81 -16.81
CA LYS A 7 9.23 -12.42 -15.64
C LYS A 7 8.56 -12.70 -14.30
N VAL A 8 7.24 -12.51 -14.26
CA VAL A 8 6.49 -12.77 -13.05
C VAL A 8 6.56 -14.28 -12.71
N LYS A 9 6.38 -15.13 -13.71
CA LYS A 9 6.46 -16.56 -13.44
C LYS A 9 7.91 -16.90 -13.11
N ASP A 10 8.86 -16.24 -13.77
CA ASP A 10 10.27 -16.49 -13.46
C ASP A 10 10.41 -16.13 -11.99
N ALA A 11 9.78 -15.04 -11.56
CA ALA A 11 9.85 -14.65 -10.16
C ALA A 11 9.32 -15.76 -9.24
N GLU A 12 8.16 -16.35 -9.53
CA GLU A 12 7.67 -17.43 -8.66
C GLU A 12 8.69 -18.56 -8.58
N ASP A 13 9.33 -18.87 -9.71
CA ASP A 13 10.32 -19.94 -9.75
C ASP A 13 11.52 -19.64 -8.88
N GLN A 14 12.09 -18.46 -9.04
CA GLN A 14 13.25 -18.12 -8.23
C GLN A 14 12.93 -18.00 -6.75
N LEU A 15 11.76 -17.46 -6.41
CA LEU A 15 11.41 -17.29 -4.99
C LEU A 15 10.77 -18.53 -4.36
N GLY A 16 10.38 -19.49 -5.19
CA GLY A 16 9.75 -20.69 -4.66
C GLY A 16 8.53 -20.31 -3.85
N ALA A 17 7.78 -19.32 -4.33
CA ALA A 17 6.59 -18.84 -3.63
C ALA A 17 5.61 -18.23 -4.61
N ARG A 18 4.37 -18.02 -4.16
CA ARG A 18 3.34 -17.42 -5.02
C ARG A 18 3.60 -15.93 -5.24
N VAL A 19 3.37 -15.47 -6.45
CA VAL A 19 3.48 -14.04 -6.75
C VAL A 19 2.18 -13.61 -7.43
N GLY A 20 1.56 -12.57 -6.89
CA GLY A 20 0.33 -12.05 -7.47
C GLY A 20 0.67 -10.74 -8.15
N TYR A 21 0.06 -10.49 -9.30
CA TYR A 21 0.35 -9.30 -10.08
C TYR A 21 -0.84 -8.80 -10.88
N ILE A 22 -0.87 -7.49 -11.09
CA ILE A 22 -1.90 -6.90 -11.92
C ILE A 22 -1.48 -5.50 -12.37
N GLU A 23 -1.75 -5.19 -13.65
CA GLU A 23 -1.46 -3.89 -14.25
C GLU A 23 -2.82 -3.38 -14.70
N LEU A 24 -3.17 -2.21 -14.19
CA LEU A 24 -4.47 -1.60 -14.45
C LEU A 24 -4.41 -0.23 -15.12
N ASP A 25 -5.23 -0.02 -16.14
CA ASP A 25 -5.25 1.30 -16.79
C ASP A 25 -5.96 2.25 -15.82
N LEU A 26 -5.30 3.33 -15.45
CA LEU A 26 -5.85 4.27 -14.49
C LEU A 26 -7.14 4.97 -14.93
N ASN A 27 -7.18 5.38 -16.19
CA ASN A 27 -8.33 6.09 -16.73
C ASN A 27 -9.56 5.22 -16.94
N SER A 28 -9.38 4.12 -17.66
CA SER A 28 -10.48 3.23 -18.00
C SER A 28 -10.76 2.12 -16.98
N GLY A 29 -9.78 1.80 -16.15
CA GLY A 29 -9.98 0.72 -15.20
C GLY A 29 -9.79 -0.63 -15.85
N LYS A 30 -9.30 -0.68 -17.08
CA LYS A 30 -9.11 -1.98 -17.75
C LYS A 30 -7.90 -2.73 -17.24
N ILE A 31 -8.08 -4.03 -16.99
CA ILE A 31 -6.96 -4.86 -16.53
C ILE A 31 -6.12 -5.17 -17.77
N LEU A 32 -4.87 -4.73 -17.77
CA LEU A 32 -3.98 -4.93 -18.90
C LEU A 32 -3.23 -6.27 -18.87
N GLU A 33 -2.96 -6.74 -17.67
CA GLU A 33 -2.21 -7.98 -17.48
C GLU A 33 -2.39 -8.42 -16.03
N SER A 34 -2.41 -9.73 -15.78
CA SER A 34 -2.57 -10.22 -14.41
C SER A 34 -1.96 -11.60 -14.20
N PHE A 35 -1.74 -11.95 -12.94
CA PHE A 35 -1.19 -13.24 -12.53
C PHE A 35 -1.77 -13.46 -11.11
N ARG A 36 -2.57 -14.51 -10.95
CA ARG A 36 -3.24 -14.79 -9.67
C ARG A 36 -3.96 -13.53 -9.16
N PRO A 37 -4.63 -12.79 -10.06
CA PRO A 37 -5.33 -11.55 -9.67
C PRO A 37 -6.36 -11.63 -8.54
N GLU A 38 -7.04 -12.76 -8.43
CA GLU A 38 -8.05 -12.89 -7.39
C GLU A 38 -7.67 -13.83 -6.24
N GLU A 39 -6.38 -14.07 -6.05
CA GLU A 39 -5.93 -14.89 -4.92
C GLU A 39 -5.51 -13.97 -3.77
N ARG A 40 -5.82 -14.34 -2.54
CA ARG A 40 -5.47 -13.51 -1.40
C ARG A 40 -3.99 -13.52 -1.01
N PHE A 41 -3.51 -12.36 -0.56
CA PHE A 41 -2.15 -12.17 -0.07
C PHE A 41 -2.23 -11.17 1.10
N PRO A 42 -1.33 -11.30 2.09
CA PRO A 42 -1.38 -10.35 3.21
C PRO A 42 -1.14 -8.97 2.58
N MET A 43 -1.70 -7.92 3.18
CA MET A 43 -1.49 -6.56 2.67
C MET A 43 -0.24 -5.96 3.29
N MET A 44 0.08 -6.39 4.50
CA MET A 44 1.22 -5.82 5.22
C MET A 44 0.96 -4.31 5.19
N SER A 45 2.03 -3.52 5.20
CA SER A 45 1.91 -2.06 5.19
C SER A 45 1.23 -1.37 3.99
N THR A 46 0.92 -2.09 2.91
CA THR A 46 0.25 -1.42 1.81
C THR A 46 -1.14 -0.92 2.29
N PHE A 47 -1.61 -1.44 3.43
CA PHE A 47 -2.93 -1.03 3.96
C PHE A 47 -2.93 0.42 4.47
N LYS A 48 -1.77 0.92 4.83
CA LYS A 48 -1.69 2.27 5.33
C LYS A 48 -2.26 3.32 4.38
N VAL A 49 -2.22 3.04 3.07
CA VAL A 49 -2.77 3.96 2.10
C VAL A 49 -4.29 3.96 2.22
N LEU A 50 -4.87 2.77 2.40
CA LEU A 50 -6.33 2.67 2.52
C LEU A 50 -6.74 3.33 3.83
N LEU A 51 -5.90 3.17 4.86
CA LEU A 51 -6.15 3.77 6.18
C LEU A 51 -6.27 5.30 6.06
N CYS A 52 -5.28 5.95 5.44
CA CYS A 52 -5.34 7.39 5.27
C CYS A 52 -6.47 7.82 4.31
N GLY A 53 -6.81 6.95 3.36
CA GLY A 53 -7.93 7.28 2.48
C GLY A 53 -9.19 7.46 3.35
N ALA A 54 -9.41 6.54 4.29
CA ALA A 54 -10.56 6.59 5.19
C ALA A 54 -10.46 7.83 6.10
N VAL A 55 -9.25 8.15 6.51
CA VAL A 55 -9.06 9.33 7.34
C VAL A 55 -9.44 10.60 6.55
N LEU A 56 -8.99 10.70 5.31
CA LEU A 56 -9.30 11.88 4.50
C LEU A 56 -10.80 11.92 4.20
N SER A 57 -11.42 10.74 4.07
CA SER A 57 -12.85 10.67 3.84
C SER A 57 -13.58 11.34 5.02
N ARG A 58 -13.07 11.11 6.22
CA ARG A 58 -13.62 11.69 7.45
C ARG A 58 -13.41 13.19 7.47
N VAL A 59 -12.21 13.63 7.10
CA VAL A 59 -11.92 15.06 7.06
C VAL A 59 -12.93 15.75 6.13
N ASP A 60 -13.06 15.25 4.91
CA ASP A 60 -13.99 15.83 3.95
C ASP A 60 -15.40 15.96 4.55
N ALA A 61 -15.83 14.96 5.31
CA ALA A 61 -17.16 14.99 5.91
C ALA A 61 -17.22 15.77 7.21
N GLY A 62 -16.14 16.47 7.55
CA GLY A 62 -16.10 17.26 8.76
C GLY A 62 -15.91 16.49 10.06
N GLN A 63 -15.79 15.16 9.97
CA GLN A 63 -15.62 14.33 11.16
C GLN A 63 -14.18 14.29 11.67
N GLU A 64 -13.27 14.94 10.97
CA GLU A 64 -11.87 14.92 11.40
C GLU A 64 -11.12 16.15 10.88
N GLN A 65 -10.06 16.53 11.57
CA GLN A 65 -9.25 17.69 11.16
C GLN A 65 -7.80 17.27 10.94
N LEU A 66 -7.19 17.72 9.85
CA LEU A 66 -5.81 17.32 9.58
C LEU A 66 -4.84 17.91 10.57
N GLY A 67 -5.18 19.10 11.08
CA GLY A 67 -4.32 19.77 12.02
C GLY A 67 -4.52 19.27 13.45
N ARG A 68 -5.53 18.43 13.68
CA ARG A 68 -5.78 17.91 15.03
C ARG A 68 -4.58 17.17 15.60
N ARG A 69 -4.17 17.52 16.82
CA ARG A 69 -3.01 16.88 17.43
C ARG A 69 -3.32 15.67 18.31
N ILE A 70 -2.58 14.59 18.08
CA ILE A 70 -2.76 13.36 18.83
C ILE A 70 -1.59 13.16 19.78
N HIS A 71 -1.90 12.98 21.05
CA HIS A 71 -0.86 12.72 22.05
C HIS A 71 -0.82 11.22 22.38
N TYR A 72 0.39 10.67 22.43
CA TYR A 72 0.56 9.26 22.74
C TYR A 72 1.76 9.13 23.65
N SER A 73 2.03 7.92 24.12
CA SER A 73 3.15 7.71 25.01
C SER A 73 3.92 6.43 24.67
N GLN A 74 5.00 6.22 25.41
CA GLN A 74 5.86 5.04 25.22
CA GLN A 74 5.85 5.04 25.19
C GLN A 74 5.07 3.73 25.13
N ASN A 75 4.00 3.63 25.90
CA ASN A 75 3.16 2.44 25.94
C ASN A 75 2.65 2.13 24.53
N ASP A 76 2.45 3.16 23.73
CA ASP A 76 1.92 2.99 22.39
C ASP A 76 2.92 2.51 21.35
N LEU A 77 4.20 2.73 21.63
CA LEU A 77 5.23 2.37 20.68
C LEU A 77 5.38 0.89 20.36
N VAL A 78 5.33 0.56 19.07
CA VAL A 78 5.50 -0.82 18.62
C VAL A 78 6.68 -0.88 17.68
N GLU A 79 7.12 -2.08 17.35
CA GLU A 79 8.26 -2.24 16.46
C GLU A 79 8.17 -1.35 15.21
N TYR A 80 9.32 -0.79 14.82
CA TYR A 80 9.47 0.09 13.66
C TYR A 80 8.62 1.37 13.68
N SER A 81 8.99 2.29 14.54
CA SER A 81 8.31 3.57 14.66
C SER A 81 9.38 4.66 14.66
N PRO A 82 10.08 4.85 13.53
CA PRO A 82 11.14 5.84 13.36
C PRO A 82 10.73 7.29 13.47
N VAL A 83 9.47 7.58 13.19
CA VAL A 83 9.04 8.96 13.27
C VAL A 83 8.29 9.21 14.58
N THR A 84 7.34 8.33 14.90
CA THR A 84 6.56 8.51 16.11
C THR A 84 7.38 8.43 17.39
N GLU A 85 8.41 7.58 17.40
CA GLU A 85 9.20 7.42 18.62
C GLU A 85 9.98 8.69 18.96
N LYS A 86 10.06 9.62 18.02
CA LYS A 86 10.79 10.86 18.23
C LYS A 86 9.86 12.02 18.59
N HIS A 87 8.58 11.75 18.78
CA HIS A 87 7.63 12.81 19.08
C HIS A 87 6.76 12.56 20.29
N LEU A 88 7.23 11.71 21.19
CA LEU A 88 6.48 11.36 22.38
C LEU A 88 6.08 12.57 23.21
N THR A 89 6.98 13.55 23.30
CA THR A 89 6.73 14.75 24.08
C THR A 89 5.51 15.57 23.62
N ASP A 90 5.50 16.00 22.36
CA ASP A 90 4.42 16.85 21.87
C ASP A 90 3.39 16.24 20.96
N GLY A 91 3.52 14.95 20.67
CA GLY A 91 2.55 14.33 19.80
C GLY A 91 2.73 14.75 18.35
N MET A 92 1.77 14.40 17.51
CA MET A 92 1.82 14.74 16.09
C MET A 92 0.40 14.92 15.59
N THR A 93 0.21 15.71 14.55
CA THR A 93 -1.12 15.95 14.01
C THR A 93 -1.56 14.79 13.11
N VAL A 94 -2.86 14.69 12.85
CA VAL A 94 -3.40 13.65 11.98
C VAL A 94 -2.62 13.66 10.68
N ARG A 95 -2.38 14.86 10.16
CA ARG A 95 -1.67 15.03 8.90
C ARG A 95 -0.26 14.49 8.97
N GLU A 96 0.44 14.79 10.06
CA GLU A 96 1.80 14.31 10.20
C GLU A 96 1.84 12.79 10.42
N LEU A 97 0.77 12.21 10.96
CA LEU A 97 0.79 10.77 11.17
C LEU A 97 0.61 10.01 9.86
N CYS A 98 -0.23 10.53 8.98
CA CYS A 98 -0.42 9.86 7.70
C CYS A 98 0.87 9.99 6.91
N SER A 99 1.54 11.14 7.03
CA SER A 99 2.81 11.31 6.34
C SER A 99 3.76 10.23 6.82
N ALA A 100 3.86 10.07 8.13
CA ALA A 100 4.73 9.07 8.74
C ALA A 100 4.37 7.63 8.33
N ALA A 101 3.07 7.34 8.33
CA ALA A 101 2.57 6.02 8.00
C ALA A 101 2.85 5.65 6.54
N ILE A 102 2.68 6.60 5.62
CA ILE A 102 2.91 6.31 4.21
C ILE A 102 4.34 6.46 3.73
N THR A 103 4.98 7.57 4.04
CA THR A 103 6.36 7.80 3.57
C THR A 103 7.40 6.96 4.29
N MET A 104 7.22 6.71 5.58
CA MET A 104 8.17 5.90 6.35
C MET A 104 7.58 4.56 6.79
N SER A 105 6.28 4.33 6.57
CA SER A 105 5.68 3.08 7.00
C SER A 105 5.73 2.93 8.54
N ASP A 106 5.72 4.06 9.24
CA ASP A 106 5.76 4.07 10.72
C ASP A 106 4.56 3.27 11.28
N ASN A 107 4.85 2.22 12.06
CA ASN A 107 3.79 1.36 12.59
C ASN A 107 2.94 1.97 13.69
N THR A 108 3.56 2.70 14.62
CA THR A 108 2.76 3.31 15.67
C THR A 108 1.83 4.36 15.04
N ALA A 109 2.32 5.06 14.02
CA ALA A 109 1.46 6.07 13.39
C ALA A 109 0.21 5.39 12.87
N ALA A 110 0.39 4.21 12.27
CA ALA A 110 -0.75 3.49 11.71
C ALA A 110 -1.73 3.17 12.81
N ASN A 111 -1.24 2.62 13.90
CA ASN A 111 -2.07 2.25 15.05
C ASN A 111 -2.86 3.42 15.59
N LEU A 112 -2.23 4.58 15.65
CA LEU A 112 -2.90 5.78 16.16
C LEU A 112 -4.01 6.22 15.23
N LEU A 113 -3.76 6.17 13.92
CA LEU A 113 -4.77 6.58 12.95
C LEU A 113 -5.94 5.60 12.94
N LEU A 114 -5.63 4.31 13.08
CA LEU A 114 -6.66 3.26 13.11
C LEU A 114 -7.58 3.57 14.27
N THR A 115 -6.98 3.96 15.39
CA THR A 115 -7.76 4.29 16.57
C THR A 115 -8.71 5.44 16.28
N THR A 116 -8.25 6.43 15.52
CA THR A 116 -9.10 7.57 15.21
C THR A 116 -10.31 7.19 14.36
N ILE A 117 -10.24 6.16 13.55
CA ILE A 117 -11.38 5.83 12.72
C ILE A 117 -12.23 4.70 13.27
N GLY A 118 -11.82 4.14 14.40
CA GLY A 118 -12.59 3.07 14.98
C GLY A 118 -12.01 1.68 14.83
N GLY A 119 -10.75 1.58 14.45
CA GLY A 119 -10.15 0.27 14.34
C GLY A 119 -10.31 -0.44 13.02
N PRO A 120 -9.73 -1.64 12.89
CA PRO A 120 -9.78 -2.47 11.69
C PRO A 120 -11.20 -2.67 11.20
N LYS A 121 -12.11 -2.94 12.12
CA LYS A 121 -13.51 -3.18 11.75
C LYS A 121 -14.07 -2.06 10.89
N GLU A 122 -13.76 -0.82 11.26
CA GLU A 122 -14.22 0.35 10.55
C GLU A 122 -13.52 0.59 9.21
N LEU A 123 -12.22 0.33 9.16
CA LEU A 123 -11.54 0.49 7.90
C LEU A 123 -12.20 -0.51 6.93
N THR A 124 -12.50 -1.71 7.42
CA THR A 124 -13.11 -2.74 6.60
C THR A 124 -14.52 -2.30 6.15
N ALA A 125 -15.26 -1.65 7.05
CA ALA A 125 -16.59 -1.16 6.70
C ALA A 125 -16.45 -0.03 5.68
N PHE A 126 -15.41 0.78 5.82
CA PHE A 126 -15.22 1.87 4.87
C PHE A 126 -15.00 1.27 3.47
N LEU A 127 -14.14 0.26 3.40
CA LEU A 127 -13.82 -0.40 2.13
C LEU A 127 -15.05 -1.05 1.50
N HIS A 128 -15.79 -1.80 2.32
CA HIS A 128 -16.97 -2.46 1.79
C HIS A 128 -17.89 -1.38 1.25
N ASN A 129 -18.02 -0.32 2.03
CA ASN A 129 -18.86 0.82 1.67
C ASN A 129 -18.49 1.43 0.32
N MET A 130 -17.23 1.30 -0.11
CA MET A 130 -16.86 1.87 -1.41
C MET A 130 -16.76 0.85 -2.56
N GLY A 131 -17.32 -0.35 -2.38
CA GLY A 131 -17.30 -1.34 -3.44
C GLY A 131 -16.26 -2.44 -3.32
N ASP A 132 -15.39 -2.35 -2.32
CA ASP A 132 -14.36 -3.37 -2.12
C ASP A 132 -14.85 -4.38 -1.08
N HIS A 133 -15.38 -5.50 -1.58
CA HIS A 133 -15.94 -6.56 -0.74
C HIS A 133 -14.94 -7.68 -0.51
N VAL A 134 -13.67 -7.39 -0.78
CA VAL A 134 -12.64 -8.40 -0.62
C VAL A 134 -11.65 -8.03 0.46
N THR A 135 -11.08 -6.84 0.37
CA THR A 135 -10.06 -6.41 1.32
C THR A 135 -10.61 -6.31 2.74
N ARG A 136 -9.82 -6.74 3.71
CA ARG A 136 -10.24 -6.70 5.10
C ARG A 136 -9.04 -6.51 6.00
N LEU A 137 -9.20 -5.66 7.00
CA LEU A 137 -8.16 -5.46 7.98
C LEU A 137 -8.84 -6.00 9.23
N ASP A 138 -8.14 -6.88 9.93
CA ASP A 138 -8.64 -7.52 11.14
C ASP A 138 -7.85 -7.21 12.40
N ARG A 139 -6.54 -7.06 12.26
CA ARG A 139 -5.68 -6.80 13.42
C ARG A 139 -4.92 -5.47 13.35
N TRP A 140 -4.14 -5.20 14.37
CA TRP A 140 -3.40 -3.94 14.51
C TRP A 140 -1.92 -4.25 14.26
N GLU A 141 -1.08 -3.22 14.24
CA GLU A 141 0.35 -3.46 14.05
C GLU A 141 0.83 -3.96 15.40
N PRO A 142 1.73 -4.96 15.44
CA PRO A 142 2.35 -5.69 14.32
C PRO A 142 1.72 -7.01 13.87
N GLU A 143 0.74 -7.50 14.61
CA GLU A 143 0.11 -8.78 14.29
C GLU A 143 -0.47 -8.95 12.89
N LEU A 144 -0.85 -7.86 12.25
CA LEU A 144 -1.46 -7.98 10.93
C LEU A 144 -0.47 -8.42 9.86
N ASN A 145 0.81 -8.49 10.22
CA ASN A 145 1.87 -8.90 9.32
C ASN A 145 2.25 -10.41 9.43
N GLU A 146 1.55 -11.15 10.28
CA GLU A 146 1.84 -12.57 10.49
CA GLU A 146 1.81 -12.59 10.49
C GLU A 146 1.84 -13.47 9.25
N ALA A 147 1.06 -13.11 8.24
CA ALA A 147 1.01 -13.89 7.00
C ALA A 147 0.85 -15.41 7.14
N ILE A 148 -0.01 -15.83 8.05
CA ILE A 148 -0.27 -17.26 8.23
C ILE A 148 -0.83 -17.84 6.91
N PRO A 149 -0.27 -18.96 6.44
CA PRO A 149 -0.77 -19.55 5.20
C PRO A 149 -2.28 -19.82 5.29
N ASN A 150 -3.01 -19.47 4.24
CA ASN A 150 -4.46 -19.67 4.15
C ASN A 150 -5.30 -18.82 5.11
N ASP A 151 -4.67 -17.89 5.83
CA ASP A 151 -5.41 -17.04 6.76
C ASP A 151 -5.94 -15.83 5.97
N GLU A 152 -7.24 -15.61 6.01
CA GLU A 152 -7.86 -14.51 5.28
C GLU A 152 -7.75 -13.17 5.99
N ARG A 153 -7.41 -13.20 7.27
CA ARG A 153 -7.27 -11.97 8.03
C ARG A 153 -6.26 -11.04 7.37
N ASP A 154 -6.53 -9.74 7.42
CA ASP A 154 -5.63 -8.72 6.89
C ASP A 154 -5.11 -8.98 5.48
N THR A 155 -5.99 -9.44 4.59
CA THR A 155 -5.59 -9.71 3.21
C THR A 155 -6.39 -8.91 2.19
N THR A 156 -5.93 -8.99 0.94
CA THR A 156 -6.54 -8.34 -0.21
C THR A 156 -6.13 -9.21 -1.38
N THR A 157 -6.60 -8.87 -2.57
CA THR A 157 -6.21 -9.60 -3.77
C THR A 157 -5.60 -8.56 -4.69
N PRO A 158 -4.76 -8.99 -5.65
CA PRO A 158 -4.16 -8.00 -6.56
C PRO A 158 -5.26 -7.17 -7.21
N ALA A 159 -6.31 -7.82 -7.70
CA ALA A 159 -7.42 -7.11 -8.33
C ALA A 159 -8.15 -6.16 -7.39
N ALA A 160 -8.50 -6.64 -6.19
CA ALA A 160 -9.23 -5.81 -5.24
C ALA A 160 -8.45 -4.56 -4.86
N MET A 161 -7.17 -4.72 -4.53
CA MET A 161 -6.33 -3.59 -4.15
C MET A 161 -6.13 -2.60 -5.29
N ALA A 162 -5.95 -3.10 -6.51
CA ALA A 162 -5.74 -2.22 -7.67
C ALA A 162 -6.99 -1.38 -7.97
N THR A 163 -8.16 -2.02 -7.98
CA THR A 163 -9.43 -1.35 -8.22
CA THR A 163 -9.38 -1.28 -8.26
C THR A 163 -9.71 -0.30 -7.14
N THR A 164 -9.42 -0.65 -5.90
CA THR A 164 -9.66 0.26 -4.77
C THR A 164 -8.73 1.48 -4.82
N LEU A 165 -7.47 1.26 -5.13
CA LEU A 165 -6.54 2.40 -5.24
C LEU A 165 -6.95 3.27 -6.41
N ARG A 166 -7.30 2.68 -7.55
CA ARG A 166 -7.76 3.50 -8.66
C ARG A 166 -8.91 4.43 -8.21
N LYS A 167 -9.87 3.87 -7.47
CA LYS A 167 -11.02 4.67 -7.00
C LYS A 167 -10.57 5.75 -6.03
N LEU A 168 -9.67 5.39 -5.13
CA LEU A 168 -9.18 6.37 -4.15
C LEU A 168 -8.53 7.58 -4.83
N LEU A 169 -7.74 7.31 -5.87
CA LEU A 169 -7.01 8.35 -6.61
C LEU A 169 -7.72 9.05 -7.78
N THR A 170 -8.86 8.55 -8.22
CA THR A 170 -9.51 9.20 -9.37
C THR A 170 -11.03 9.28 -9.20
N GLY A 171 -11.55 8.61 -8.19
CA GLY A 171 -13.00 8.62 -7.95
C GLY A 171 -13.51 9.87 -7.27
N GLU A 172 -14.84 9.97 -7.14
CA GLU A 172 -15.47 11.12 -6.49
C GLU A 172 -15.56 10.85 -4.99
N LEU A 173 -14.97 9.74 -4.56
CA LEU A 173 -14.96 9.35 -3.15
C LEU A 173 -14.30 10.42 -2.28
N LEU A 174 -13.18 10.96 -2.74
CA LEU A 174 -12.47 11.99 -2.00
C LEU A 174 -12.58 13.30 -2.75
N THR A 175 -12.49 14.42 -2.04
CA THR A 175 -12.52 15.71 -2.71
C THR A 175 -11.20 15.75 -3.48
N LEU A 176 -11.07 16.71 -4.38
CA LEU A 176 -9.85 16.84 -5.16
C LEU A 176 -8.67 17.18 -4.24
N ALA A 177 -8.89 18.03 -3.25
CA ALA A 177 -7.80 18.40 -2.31
C ALA A 177 -7.31 17.16 -1.56
N SER A 178 -8.25 16.32 -1.14
CA SER A 178 -7.91 15.09 -0.41
C SER A 178 -7.20 14.08 -1.32
N ARG A 179 -7.71 13.89 -2.54
CA ARG A 179 -7.08 12.95 -3.47
CA ARG A 179 -7.08 12.97 -3.50
C ARG A 179 -5.61 13.33 -3.68
N GLN A 180 -5.34 14.63 -3.86
CA GLN A 180 -3.97 15.07 -4.06
C GLN A 180 -3.11 14.92 -2.84
N GLN A 181 -3.70 15.07 -1.65
CA GLN A 181 -2.93 14.91 -0.44
C GLN A 181 -2.46 13.47 -0.36
N LEU A 182 -3.36 12.54 -0.65
CA LEU A 182 -3.03 11.11 -0.60
C LEU A 182 -1.90 10.78 -1.58
N ILE A 183 -2.05 11.25 -2.83
CA ILE A 183 -1.05 11.01 -3.88
C ILE A 183 0.28 11.63 -3.44
N ASP A 184 0.20 12.82 -2.85
CA ASP A 184 1.39 13.51 -2.40
C ASP A 184 2.15 12.71 -1.33
N TRP A 185 1.41 12.00 -0.47
CA TRP A 185 2.06 11.22 0.57
C TRP A 185 2.71 10.00 -0.10
N MET A 186 2.02 9.41 -1.07
CA MET A 186 2.56 8.23 -1.76
C MET A 186 3.73 8.61 -2.65
N GLU A 187 3.69 9.78 -3.26
CA GLU A 187 4.79 10.16 -4.10
C GLU A 187 6.08 10.38 -3.27
N ALA A 188 5.94 10.78 -2.01
CA ALA A 188 7.09 11.04 -1.15
C ALA A 188 7.61 9.79 -0.45
N ASP A 189 7.01 8.64 -0.74
CA ASP A 189 7.43 7.37 -0.14
C ASP A 189 8.97 7.22 -0.14
N LYS A 190 9.57 7.12 1.06
CA LYS A 190 11.03 7.02 1.25
C LYS A 190 11.66 5.66 1.62
N VAL A 191 10.88 4.58 1.69
CA VAL A 191 11.48 3.29 2.04
C VAL A 191 11.32 2.24 0.94
N ALA A 192 10.83 2.64 -0.23
CA ALA A 192 10.61 1.71 -1.33
C ALA A 192 11.62 1.87 -2.46
N GLY A 193 12.74 2.51 -2.17
CA GLY A 193 13.75 2.73 -3.20
C GLY A 193 14.20 1.53 -4.01
N PRO A 194 14.54 0.40 -3.37
CA PRO A 194 14.99 -0.74 -4.19
C PRO A 194 13.90 -1.51 -4.94
N LEU A 195 12.67 -1.05 -4.90
CA LEU A 195 11.63 -1.79 -5.60
C LEU A 195 11.33 -1.18 -6.99
N LEU A 196 10.09 -0.84 -7.25
CA LEU A 196 9.73 -0.30 -8.57
C LEU A 196 10.53 0.96 -8.92
N ARG A 197 10.77 1.82 -7.95
CA ARG A 197 11.51 3.06 -8.17
C ARG A 197 12.91 2.85 -8.77
N SER A 198 13.51 1.70 -8.52
CA SER A 198 14.87 1.46 -9.02
C SER A 198 14.89 1.13 -10.50
N ALA A 199 13.71 0.95 -11.09
CA ALA A 199 13.58 0.65 -12.51
C ALA A 199 12.83 1.78 -13.23
N LEU A 200 12.45 2.80 -12.49
CA LEU A 200 11.71 3.93 -13.05
C LEU A 200 12.60 4.84 -13.91
N PRO A 201 12.23 5.07 -15.18
CA PRO A 201 13.06 5.95 -16.01
C PRO A 201 12.94 7.39 -15.54
N ALA A 202 13.95 8.19 -15.88
CA ALA A 202 13.95 9.61 -15.56
C ALA A 202 12.72 10.35 -16.09
N GLY A 203 12.11 11.20 -15.26
CA GLY A 203 10.96 11.96 -15.71
C GLY A 203 9.60 11.33 -15.47
N TRP A 204 9.61 10.05 -15.09
CA TRP A 204 8.37 9.35 -14.82
C TRP A 204 7.86 9.69 -13.43
N PHE A 205 6.56 9.52 -13.25
CA PHE A 205 5.90 9.78 -11.98
C PHE A 205 5.65 8.45 -11.30
N ILE A 206 5.70 8.45 -9.97
CA ILE A 206 5.36 7.27 -9.21
C ILE A 206 4.95 7.68 -7.81
N ALA A 207 3.84 7.11 -7.36
CA ALA A 207 3.33 7.31 -6.02
C ALA A 207 3.14 5.86 -5.61
N ASP A 208 3.76 5.44 -4.52
CA ASP A 208 3.66 4.05 -4.12
C ASP A 208 3.64 3.84 -2.62
N LYS A 209 3.54 2.57 -2.24
CA LYS A 209 3.55 2.15 -0.84
C LYS A 209 3.92 0.67 -0.83
N SER A 210 5.02 0.34 -0.16
CA SER A 210 5.50 -1.02 -0.09
C SER A 210 5.04 -1.70 1.18
N GLY A 211 5.31 -3.00 1.25
CA GLY A 211 4.95 -3.76 2.44
C GLY A 211 5.90 -4.93 2.63
N ALA A 212 6.08 -5.33 3.89
CA ALA A 212 6.92 -6.47 4.20
C ALA A 212 6.28 -7.15 5.41
N GLY A 213 6.29 -8.48 5.44
CA GLY A 213 5.72 -9.20 6.56
C GLY A 213 6.48 -10.48 6.88
N GLU A 214 5.89 -11.35 7.70
CA GLU A 214 6.55 -12.59 8.04
C GLU A 214 6.39 -13.59 6.90
N ARG A 215 7.12 -14.69 6.97
CA ARG A 215 7.06 -15.74 5.97
C ARG A 215 7.34 -15.27 4.54
N GLY A 216 8.40 -14.49 4.38
CA GLY A 216 8.79 -13.98 3.07
C GLY A 216 7.85 -13.00 2.40
N SER A 217 6.83 -12.52 3.12
CA SER A 217 5.86 -11.59 2.53
C SER A 217 6.50 -10.28 2.10
N ARG A 218 6.13 -9.84 0.90
CA ARG A 218 6.65 -8.61 0.31
C ARG A 218 5.67 -8.16 -0.74
N GLY A 219 5.53 -6.85 -0.91
CA GLY A 219 4.63 -6.36 -1.93
C GLY A 219 4.74 -4.88 -2.14
N ILE A 220 3.98 -4.38 -3.12
CA ILE A 220 3.97 -2.96 -3.44
C ILE A 220 2.75 -2.60 -4.28
N ILE A 221 2.23 -1.40 -4.07
CA ILE A 221 1.10 -0.93 -4.86
C ILE A 221 1.57 0.41 -5.41
N ALA A 222 1.15 0.77 -6.62
CA ALA A 222 1.63 2.04 -7.18
C ALA A 222 0.86 2.56 -8.38
N ALA A 223 0.90 3.88 -8.55
CA ALA A 223 0.30 4.57 -9.70
C ALA A 223 1.55 5.19 -10.31
N LEU A 224 1.77 4.95 -11.60
CA LEU A 224 2.96 5.48 -12.26
C LEU A 224 2.70 5.73 -13.74
N GLY A 225 3.60 6.48 -14.38
CA GLY A 225 3.43 6.78 -15.79
C GLY A 225 4.47 7.79 -16.25
N PRO A 226 4.67 7.93 -17.58
CA PRO A 226 5.65 8.87 -18.13
C PRO A 226 5.27 10.34 -18.03
N ASP A 227 6.23 11.20 -18.32
CA ASP A 227 6.03 12.64 -18.31
C ASP A 227 5.36 13.22 -17.08
N GLY A 228 5.76 12.76 -15.90
CA GLY A 228 5.23 13.31 -14.67
C GLY A 228 3.78 13.07 -14.31
N LYS A 229 3.08 12.17 -15.01
CA LYS A 229 1.69 11.89 -14.65
C LYS A 229 1.44 10.39 -14.62
N PRO A 230 0.66 9.91 -13.65
CA PRO A 230 0.38 8.48 -13.58
C PRO A 230 -0.65 8.05 -14.62
N SER A 231 -0.48 6.86 -15.18
CA SER A 231 -1.45 6.39 -16.15
C SER A 231 -1.81 4.93 -15.95
N ARG A 232 -1.14 4.27 -15.01
CA ARG A 232 -1.42 2.87 -14.71
CA ARG A 232 -1.43 2.87 -14.72
C ARG A 232 -1.20 2.56 -13.25
N ILE A 233 -1.82 1.49 -12.78
CA ILE A 233 -1.68 1.06 -11.42
C ILE A 233 -1.06 -0.33 -11.50
N VAL A 234 -0.10 -0.58 -10.62
CA VAL A 234 0.58 -1.85 -10.57
C VAL A 234 0.54 -2.33 -9.14
N VAL A 235 0.22 -3.60 -8.94
CA VAL A 235 0.17 -4.19 -7.61
C VAL A 235 0.90 -5.50 -7.68
N ILE A 236 1.83 -5.69 -6.74
CA ILE A 236 2.60 -6.91 -6.69
C ILE A 236 2.67 -7.45 -5.26
N TYR A 237 2.35 -8.71 -5.07
CA TYR A 237 2.42 -9.37 -3.76
C TYR A 237 3.06 -10.74 -3.91
N THR A 238 3.70 -11.18 -2.84
CA THR A 238 4.30 -12.52 -2.74
C THR A 238 4.31 -12.88 -1.26
N THR A 239 4.20 -14.16 -0.98
CA THR A 239 4.22 -14.64 0.39
C THR A 239 4.64 -16.12 0.33
N GLY A 240 5.31 -16.60 1.37
CA GLY A 240 5.73 -17.99 1.40
C GLY A 240 7.20 -18.27 1.10
N SER A 241 7.92 -17.30 0.54
CA SER A 241 9.32 -17.52 0.18
C SER A 241 10.25 -17.51 1.37
N GLN A 242 11.35 -18.25 1.22
CA GLN A 242 12.39 -18.35 2.24
C GLN A 242 13.53 -17.51 1.77
N ALA A 243 13.34 -16.84 0.64
CA ALA A 243 14.36 -15.99 0.04
C ALA A 243 14.63 -14.75 0.88
N THR A 244 15.85 -14.21 0.77
CA THR A 244 16.23 -13.02 1.52
C THR A 244 15.46 -11.77 1.07
N MET A 245 15.44 -10.77 1.94
CA MET A 245 14.78 -9.51 1.62
C MET A 245 15.33 -8.95 0.30
N ASP A 246 16.66 -9.02 0.13
CA ASP A 246 17.30 -8.52 -1.07
C ASP A 246 16.83 -9.26 -2.33
N GLU A 247 16.71 -10.58 -2.26
CA GLU A 247 16.30 -11.36 -3.41
C GLU A 247 14.85 -11.04 -3.76
N ARG A 248 14.04 -10.85 -2.72
CA ARG A 248 12.65 -10.51 -2.95
C ARG A 248 12.54 -9.14 -3.61
N ASN A 249 13.33 -8.18 -3.13
CA ASN A 249 13.34 -6.81 -3.68
C ASN A 249 13.70 -6.83 -5.16
N ARG A 250 14.73 -7.57 -5.52
CA ARG A 250 15.17 -7.67 -6.91
C ARG A 250 14.12 -8.24 -7.85
N GLN A 251 13.42 -9.27 -7.42
CA GLN A 251 12.40 -9.86 -8.28
C GLN A 251 11.32 -8.82 -8.59
N ILE A 252 10.97 -8.01 -7.59
CA ILE A 252 9.96 -6.99 -7.77
C ILE A 252 10.51 -5.93 -8.71
N ALA A 253 11.77 -5.56 -8.51
CA ALA A 253 12.42 -4.55 -9.34
C ALA A 253 12.46 -5.06 -10.79
N GLU A 254 12.81 -6.33 -10.99
CA GLU A 254 12.86 -6.88 -12.34
C GLU A 254 11.48 -6.94 -12.97
N ILE A 255 10.45 -7.23 -12.17
CA ILE A 255 9.09 -7.26 -12.74
C ILE A 255 8.84 -5.83 -13.24
N GLY A 256 9.24 -4.88 -12.40
CA GLY A 256 9.08 -3.48 -12.76
C GLY A 256 9.83 -3.13 -14.03
N ALA A 257 11.08 -3.57 -14.13
CA ALA A 257 11.88 -3.29 -15.31
C ALA A 257 11.14 -3.80 -16.56
N SER A 258 10.53 -4.97 -16.46
CA SER A 258 9.83 -5.52 -17.62
C SER A 258 8.58 -4.74 -17.99
N LEU A 259 7.78 -4.38 -17.00
CA LEU A 259 6.54 -3.66 -17.33
C LEU A 259 6.83 -2.28 -17.92
N ILE A 260 7.95 -1.68 -17.52
CA ILE A 260 8.36 -0.39 -18.05
C ILE A 260 8.90 -0.59 -19.48
N LYS A 261 9.66 -1.66 -19.68
CA LYS A 261 10.22 -1.93 -21.00
C LYS A 261 9.11 -2.11 -22.04
N HIS A 262 8.06 -2.84 -21.68
CA HIS A 262 6.97 -3.10 -22.59
C HIS A 262 5.76 -2.18 -22.48
N TRP A 263 5.96 -1.02 -21.88
CA TRP A 263 4.87 -0.04 -21.70
C TRP A 263 4.24 0.33 -23.04
B 105 B . 5.07 -2.56 6.66
O1 105 B . 4.86 -3.83 5.93
O2 105 B . 6.11 -1.76 5.96
C3 105 B . 5.53 -2.86 8.14
N4 105 B . 6.99 -3.07 8.24
C5 105 B . 7.51 -3.35 9.44
O6 105 B . 6.75 -3.44 10.42
C7 105 B . 9.03 -3.58 9.65
N11 105 B . 11.29 -3.50 9.41
O10 105 B . 10.95 -4.26 10.68
C8 105 B . 9.59 -4.21 10.66
C12 105 B . 10.14 -3.15 8.86
C9 105 B . 8.80 -4.88 11.75
C13 105 B . 10.09 -2.41 7.55
C14 105 B . 10.54 -3.07 6.36
CL1 105 B . 11.06 -4.71 6.41
C15 105 B . 10.57 -2.36 5.12
C16 105 B . 10.14 -1.01 5.07
C17 105 B . 9.69 -0.36 6.25
C18 105 B . 9.66 -1.06 7.50
#